data_9KZ3
#
_entry.id   9KZ3
#
_cell.length_a   56.869
_cell.length_b   92.382
_cell.length_c   58.093
_cell.angle_alpha   90.00
_cell.angle_beta   100.07
_cell.angle_gamma   90.00
#
_symmetry.space_group_name_H-M   'P 1 21 1'
#
loop_
_entity.id
_entity.type
_entity.pdbx_description
1 polymer 'ORF1ab polyprotein'
2 polymer 'Replicase polyprotein 1a'
3 polymer 'Replicase polyprotein 1a'
4 water water
#
loop_
_entity_poly.entity_id
_entity_poly.type
_entity_poly.pdbx_seq_one_letter_code
_entity_poly.pdbx_strand_id
1 'polypeptide(L)'
;MAGLRKMAQPSGVVEKCIVRVCYGNMALNGLWLGDTVMCPRHVIASSTTSTIDYDYALSVLRLHNFSISSGNVFLGVVGV
TMRGALLQIKVNQNNVHTPKYTYRTVRPGESFNILACYDGAAAGVYGVNMRSNYTIRGSFINGAAGSPGYNINNGTVEFC
YLHQLELGSGCHVGSDLDGVMYGGYEDQPTLQVEGASSLFTENVLAFLYAALINGSTWWLSSSRIAVDRFNEWAVHNGMT
TVVNTDCFSIFAAKTGVDVQRLLASIQSLHKNFGGKQILGYTSLTDEFTTGEVIRQMYGVLEHHHHHHHH
;
A,B
2 'polypeptide(L)' RIVKLQ C
3 'polypeptide(L)' QLKVIR D
#
# COMPACT_ATOMS: atom_id res chain seq x y z
N ALA A 2 0.78 4.70 16.60
CA ALA A 2 1.37 5.87 15.95
C ALA A 2 1.81 5.56 14.52
N GLY A 3 2.06 6.60 13.75
CA GLY A 3 2.49 6.48 12.37
C GLY A 3 1.34 6.67 11.39
N LEU A 4 1.71 6.95 10.14
CA LEU A 4 0.75 7.12 9.07
C LEU A 4 1.32 6.49 7.81
N ARG A 5 0.56 5.59 7.20
CA ARG A 5 0.94 4.97 5.94
C ARG A 5 -0.26 4.98 5.00
N LYS A 6 0.02 5.19 3.72
CA LYS A 6 -0.97 4.90 2.68
C LYS A 6 -1.31 3.42 2.68
N MET A 7 -2.58 3.12 2.93
CA MET A 7 -3.05 1.77 3.18
C MET A 7 -4.05 1.42 2.11
N ALA A 8 -4.17 0.14 1.81
CA ALA A 8 -5.25 -0.32 0.96
C ALA A 8 -6.25 -1.05 1.84
N GLN A 9 -7.51 -1.03 1.44
CA GLN A 9 -8.40 -1.92 2.17
C GLN A 9 -8.17 -3.37 1.72
N PRO A 10 -8.37 -4.34 2.60
CA PRO A 10 -8.10 -5.73 2.22
C PRO A 10 -8.88 -6.11 0.98
N SER A 11 -8.22 -6.83 0.08
CA SER A 11 -8.68 -7.03 -1.28
C SER A 11 -9.43 -8.35 -1.50
N GLY A 12 -9.61 -9.17 -0.46
CA GLY A 12 -10.15 -10.52 -0.66
C GLY A 12 -11.46 -10.53 -1.43
N VAL A 13 -12.37 -9.62 -1.08
CA VAL A 13 -13.69 -9.67 -1.69
C VAL A 13 -13.62 -9.36 -3.19
N VAL A 14 -12.60 -8.62 -3.61
CA VAL A 14 -12.51 -8.20 -5.01
C VAL A 14 -11.70 -9.20 -5.85
N GLU A 15 -10.79 -9.95 -5.21
CA GLU A 15 -9.91 -10.85 -5.95
C GLU A 15 -10.68 -11.94 -6.67
N LYS A 16 -11.81 -12.34 -6.13
CA LYS A 16 -12.61 -13.40 -6.73
C LYS A 16 -13.39 -12.92 -7.94
N CYS A 17 -13.33 -11.63 -8.28
CA CYS A 17 -14.05 -11.09 -9.42
C CYS A 17 -13.19 -10.81 -10.63
N ILE A 18 -11.91 -11.10 -10.57
CA ILE A 18 -11.02 -10.78 -11.69
C ILE A 18 -11.02 -11.92 -12.68
N VAL A 19 -11.10 -11.57 -13.95
CA VAL A 19 -11.02 -12.57 -15.02
C VAL A 19 -10.02 -12.06 -16.04
N ARG A 20 -9.51 -13.00 -16.80
CA ARG A 20 -8.60 -12.73 -17.89
C ARG A 20 -9.45 -12.66 -19.16
N VAL A 21 -9.35 -11.54 -19.88
CA VAL A 21 -10.08 -11.36 -21.13
C VAL A 21 -9.08 -11.27 -22.26
N CYS A 22 -9.14 -12.22 -23.18
CA CYS A 22 -8.22 -12.22 -24.28
C CYS A 22 -8.99 -12.21 -25.60
N TYR A 23 -8.52 -11.41 -26.56
CA TYR A 23 -9.16 -11.35 -27.87
C TYR A 23 -8.09 -11.09 -28.91
N GLY A 24 -7.85 -12.05 -29.79
CA GLY A 24 -6.80 -11.87 -30.78
C GLY A 24 -5.45 -11.79 -30.10
N ASN A 25 -4.69 -10.77 -30.46
CA ASN A 25 -3.36 -10.55 -29.91
C ASN A 25 -3.38 -9.73 -28.64
N MET A 26 -4.55 -9.48 -28.06
CA MET A 26 -4.67 -8.57 -26.94
C MET A 26 -5.11 -9.36 -25.71
N ALA A 27 -4.55 -9.01 -24.57
CA ALA A 27 -4.97 -9.65 -23.33
C ALA A 27 -4.99 -8.61 -22.24
N LEU A 28 -6.06 -8.62 -21.45
CA LEU A 28 -6.16 -7.71 -20.31
C LEU A 28 -7.13 -8.33 -19.31
N ASN A 29 -7.55 -7.55 -18.34
CA ASN A 29 -8.33 -8.02 -17.21
C ASN A 29 -9.76 -7.52 -17.31
N GLY A 30 -10.69 -8.33 -16.79
CA GLY A 30 -12.07 -7.93 -16.68
C GLY A 30 -12.59 -8.19 -15.28
N LEU A 31 -13.77 -7.61 -15.03
CA LEU A 31 -14.45 -7.65 -13.74
C LEU A 31 -15.72 -8.46 -13.94
N TRP A 32 -15.79 -9.62 -13.29
CA TRP A 32 -16.88 -10.59 -13.45
C TRP A 32 -17.83 -10.47 -12.24
N LEU A 33 -18.98 -9.84 -12.47
CA LEU A 33 -19.98 -9.64 -11.43
C LEU A 33 -21.32 -10.17 -11.96
N GLY A 34 -21.94 -11.08 -11.22
CA GLY A 34 -23.12 -11.73 -11.78
C GLY A 34 -22.75 -12.48 -13.06
N ASP A 35 -23.49 -12.27 -14.14
CA ASP A 35 -23.15 -12.91 -15.40
C ASP A 35 -22.67 -11.90 -16.45
N THR A 36 -22.00 -10.85 -16.02
CA THR A 36 -21.44 -9.85 -16.91
C THR A 36 -19.94 -9.70 -16.65
N VAL A 37 -19.17 -9.52 -17.71
CA VAL A 37 -17.76 -9.20 -17.60
C VAL A 37 -17.55 -7.82 -18.22
N MET A 38 -17.03 -6.90 -17.41
CA MET A 38 -16.69 -5.53 -17.81
C MET A 38 -15.20 -5.49 -18.11
N CYS A 39 -14.82 -4.95 -19.26
CA CYS A 39 -13.42 -4.80 -19.56
C CYS A 39 -13.23 -3.61 -20.50
N PRO A 40 -12.04 -3.02 -20.54
CA PRO A 40 -11.78 -1.93 -21.49
C PRO A 40 -12.05 -2.38 -22.92
N ARG A 41 -12.67 -1.50 -23.69
CA ARG A 41 -13.09 -1.88 -25.02
C ARG A 41 -11.91 -2.01 -25.98
N HIS A 42 -10.73 -1.45 -25.64
CA HIS A 42 -9.63 -1.62 -26.59
C HIS A 42 -9.09 -3.05 -26.64
N VAL A 43 -9.64 -3.99 -25.87
CA VAL A 43 -9.22 -5.37 -26.05
C VAL A 43 -9.58 -5.86 -27.44
N ILE A 44 -10.55 -5.22 -28.12
CA ILE A 44 -10.94 -5.64 -29.46
C ILE A 44 -10.33 -4.76 -30.53
N ALA A 45 -9.32 -3.97 -30.20
CA ALA A 45 -8.67 -3.09 -31.18
C ALA A 45 -7.60 -3.87 -31.93
N SER A 46 -7.65 -3.81 -33.27
CA SER A 46 -6.66 -4.53 -34.10
C SER A 46 -5.43 -3.65 -34.34
N SER A 47 -5.14 -2.71 -33.44
CA SER A 47 -3.89 -1.94 -33.62
C SER A 47 -3.55 -1.08 -32.40
N THR A 49 -1.69 1.98 -33.19
CA THR A 49 -1.04 3.01 -34.03
C THR A 49 -1.99 4.14 -34.34
N SER A 50 -2.92 3.93 -35.29
CA SER A 50 -3.83 4.97 -35.77
C SER A 50 -5.11 4.97 -34.94
N THR A 51 -5.91 6.01 -35.15
CA THR A 51 -7.18 6.15 -34.44
C THR A 51 -8.09 4.94 -34.69
N ILE A 52 -8.59 4.36 -33.61
CA ILE A 52 -9.41 3.15 -33.65
C ILE A 52 -10.88 3.53 -33.82
N ASP A 53 -11.58 2.82 -34.70
CA ASP A 53 -13.02 2.99 -34.83
C ASP A 53 -13.64 1.80 -34.09
N TYR A 54 -14.11 2.06 -32.86
CA TYR A 54 -14.58 0.99 -32.00
C TYR A 54 -15.91 0.41 -32.47
N ASP A 55 -16.81 1.23 -32.99
CA ASP A 55 -18.08 0.66 -33.47
C ASP A 55 -17.84 -0.34 -34.59
N TYR A 56 -16.87 -0.06 -35.47
CA TYR A 56 -16.51 -1.02 -36.50
C TYR A 56 -15.90 -2.29 -35.92
N ALA A 57 -14.93 -2.13 -35.00
CA ALA A 57 -14.36 -3.31 -34.35
C ALA A 57 -15.44 -4.19 -33.75
N LEU A 58 -16.43 -3.59 -33.09
CA LEU A 58 -17.49 -4.39 -32.51
C LEU A 58 -18.39 -4.99 -33.59
N SER A 59 -18.53 -4.33 -34.74
CA SER A 59 -19.39 -4.89 -35.78
C SER A 59 -18.80 -6.17 -36.37
N VAL A 60 -17.48 -6.27 -36.46
CA VAL A 60 -16.79 -7.42 -37.04
C VAL A 60 -16.39 -8.45 -35.99
N LEU A 61 -16.76 -8.22 -34.73
CA LEU A 61 -16.43 -9.14 -33.64
C LEU A 61 -16.86 -10.56 -33.96
N ARG A 62 -16.05 -11.52 -33.54
CA ARG A 62 -16.33 -12.94 -33.70
C ARG A 62 -16.35 -13.50 -32.28
N LEU A 63 -17.54 -13.77 -31.74
CA LEU A 63 -17.68 -14.11 -30.33
C LEU A 63 -16.74 -15.23 -29.91
N HIS A 64 -16.40 -16.14 -30.81
CA HIS A 64 -15.66 -17.32 -30.42
C HIS A 64 -14.15 -17.10 -30.36
N ASN A 65 -13.65 -15.93 -30.78
CA ASN A 65 -12.25 -15.61 -30.53
C ASN A 65 -12.01 -14.92 -29.20
N PHE A 66 -13.05 -14.77 -28.39
CA PHE A 66 -12.89 -14.38 -27.00
C PHE A 66 -12.41 -15.58 -26.19
N SER A 67 -11.46 -15.34 -25.30
CA SER A 67 -11.10 -16.30 -24.29
C SER A 67 -11.22 -15.58 -22.96
N ILE A 68 -12.23 -15.93 -22.20
CA ILE A 68 -12.44 -15.36 -20.88
C ILE A 68 -12.31 -16.48 -19.87
N SER A 69 -11.47 -16.28 -18.87
CA SER A 69 -11.32 -17.32 -17.87
C SER A 69 -11.03 -16.71 -16.51
N SER A 70 -11.54 -17.38 -15.50
CA SER A 70 -11.28 -17.13 -14.08
C SER A 70 -10.46 -18.32 -13.60
N GLY A 71 -9.14 -18.14 -13.50
CA GLY A 71 -8.28 -19.24 -13.18
C GLY A 71 -8.13 -20.17 -14.37
N ASN A 72 -8.54 -21.42 -14.26
CA ASN A 72 -8.62 -22.31 -15.41
C ASN A 72 -10.07 -22.63 -15.77
N VAL A 73 -11.00 -21.84 -15.28
CA VAL A 73 -12.42 -22.00 -15.59
C VAL A 73 -12.72 -21.02 -16.71
N PHE A 74 -13.01 -21.52 -17.90
CA PHE A 74 -13.30 -20.65 -19.04
C PHE A 74 -14.79 -20.33 -19.10
N LEU A 75 -15.11 -19.10 -19.48
CA LEU A 75 -16.48 -18.63 -19.50
C LEU A 75 -16.92 -18.49 -20.95
N GLY A 76 -18.11 -19.00 -21.28
CA GLY A 76 -18.62 -18.86 -22.64
C GLY A 76 -19.27 -17.49 -22.81
N VAL A 77 -18.91 -16.80 -23.90
CA VAL A 77 -19.46 -15.50 -24.18
C VAL A 77 -20.83 -15.63 -24.85
N VAL A 78 -21.81 -14.92 -24.32
CA VAL A 78 -23.17 -14.90 -24.82
C VAL A 78 -23.40 -13.71 -25.75
N GLY A 79 -22.98 -12.51 -25.33
CA GLY A 79 -23.13 -11.32 -26.16
C GLY A 79 -22.23 -10.21 -25.64
N VAL A 80 -21.97 -9.23 -26.51
CA VAL A 80 -21.02 -8.15 -26.23
C VAL A 80 -21.61 -6.84 -26.71
N THR A 81 -21.73 -5.86 -25.80
CA THR A 81 -22.18 -4.53 -26.15
C THR A 81 -21.24 -3.47 -25.58
N MET A 82 -21.27 -2.29 -26.21
CA MET A 82 -20.44 -1.17 -25.79
C MET A 82 -21.10 -0.42 -24.64
N ARG A 83 -20.34 -0.14 -23.59
CA ARG A 83 -20.79 0.71 -22.50
C ARG A 83 -19.72 1.81 -22.38
N GLY A 84 -19.88 2.88 -23.15
CA GLY A 84 -18.85 3.89 -23.22
C GLY A 84 -17.49 3.34 -23.56
N ALA A 85 -16.51 3.50 -22.67
CA ALA A 85 -15.15 3.05 -22.93
C ALA A 85 -14.91 1.61 -22.48
N LEU A 86 -15.98 0.90 -22.16
CA LEU A 86 -15.95 -0.48 -21.71
C LEU A 86 -16.74 -1.38 -22.66
N LEU A 87 -16.45 -2.67 -22.60
CA LEU A 87 -17.32 -3.69 -23.15
C LEU A 87 -18.06 -4.36 -22.00
N GLN A 88 -19.36 -4.52 -22.17
CA GLN A 88 -20.18 -5.32 -21.27
C GLN A 88 -20.40 -6.65 -21.96
N ILE A 89 -19.81 -7.70 -21.39
CA ILE A 89 -19.82 -9.02 -21.98
C ILE A 89 -20.73 -9.87 -21.10
N LYS A 90 -21.89 -10.27 -21.61
CA LYS A 90 -22.71 -11.23 -20.91
C LYS A 90 -22.09 -12.61 -21.09
N VAL A 91 -21.91 -13.34 -20.00
CA VAL A 91 -21.31 -14.67 -20.07
C VAL A 91 -22.34 -15.68 -19.57
N ASN A 92 -22.07 -16.97 -19.82
CA ASN A 92 -23.08 -18.01 -19.57
C ASN A 92 -23.11 -18.49 -18.12
N GLN A 93 -22.29 -17.92 -17.24
CA GLN A 93 -22.18 -18.35 -15.85
C GLN A 93 -22.24 -17.15 -14.91
N ASN A 94 -22.88 -17.35 -13.77
CA ASN A 94 -22.97 -16.36 -12.71
C ASN A 94 -21.78 -16.50 -11.76
N ASN A 95 -21.14 -15.38 -11.42
CA ASN A 95 -20.07 -15.44 -10.45
C ASN A 95 -20.69 -15.65 -9.06
N VAL A 96 -20.50 -16.84 -8.50
CA VAL A 96 -21.16 -17.12 -7.23
C VAL A 96 -20.52 -16.33 -6.10
N HIS A 97 -19.30 -15.84 -6.26
CA HIS A 97 -18.65 -15.05 -5.22
C HIS A 97 -18.80 -13.55 -5.47
N THR A 98 -19.76 -13.14 -6.31
CA THR A 98 -20.05 -11.72 -6.51
C THR A 98 -20.43 -11.06 -5.18
N PRO A 99 -19.73 -10.02 -4.75
CA PRO A 99 -20.09 -9.34 -3.52
C PRO A 99 -21.25 -8.39 -3.73
N LYS A 100 -21.84 -7.96 -2.62
CA LYS A 100 -22.75 -6.82 -2.66
C LYS A 100 -21.96 -5.60 -3.14
N TYR A 101 -22.47 -4.90 -4.14
CA TYR A 101 -21.64 -3.89 -4.77
C TYR A 101 -22.48 -2.74 -5.28
N THR A 102 -21.83 -1.59 -5.48
CA THR A 102 -22.39 -0.45 -6.18
C THR A 102 -21.31 0.14 -7.06
N TYR A 103 -21.73 1.04 -7.95
CA TYR A 103 -20.84 1.88 -8.74
C TYR A 103 -20.88 3.30 -8.19
N ARG A 104 -19.74 3.99 -8.20
CA ARG A 104 -19.74 5.42 -7.91
C ARG A 104 -18.58 6.07 -8.63
N THR A 105 -18.83 7.23 -9.20
CA THR A 105 -17.79 7.99 -9.86
C THR A 105 -17.10 8.86 -8.81
N VAL A 106 -15.80 8.74 -8.68
CA VAL A 106 -15.10 9.48 -7.64
C VAL A 106 -14.73 10.84 -8.17
N ARG A 107 -14.52 11.77 -7.26
CA ARG A 107 -14.17 13.14 -7.56
C ARG A 107 -12.74 13.48 -7.14
N PRO A 108 -12.14 14.49 -7.78
CA PRO A 108 -10.78 14.87 -7.45
C PRO A 108 -10.60 15.05 -5.95
N GLY A 109 -9.48 14.56 -5.45
CA GLY A 109 -9.21 14.59 -4.04
C GLY A 109 -9.71 13.40 -3.25
N GLU A 110 -10.47 12.48 -3.85
CA GLU A 110 -10.95 11.31 -3.14
C GLU A 110 -9.97 10.13 -3.28
N SER A 111 -9.91 9.31 -2.24
CA SER A 111 -9.02 8.15 -2.22
C SER A 111 -9.81 6.88 -2.51
N PHE A 112 -9.14 5.90 -3.14
CA PHE A 112 -9.70 4.58 -3.37
C PHE A 112 -8.53 3.58 -3.48
N ASN A 113 -8.87 2.33 -3.71
CA ASN A 113 -7.87 1.28 -3.74
C ASN A 113 -7.75 0.75 -5.16
N ILE A 114 -6.53 0.50 -5.62
CA ILE A 114 -6.29 -0.18 -6.89
C ILE A 114 -5.90 -1.62 -6.62
N LEU A 115 -6.61 -2.56 -7.24
CA LEU A 115 -6.18 -3.94 -7.29
C LEU A 115 -5.49 -4.16 -8.63
N ALA A 116 -4.15 -4.12 -8.62
CA ALA A 116 -3.34 -4.23 -9.84
C ALA A 116 -3.34 -5.67 -10.34
N CYS A 117 -3.75 -5.87 -11.61
CA CYS A 117 -4.01 -7.21 -12.14
C CYS A 117 -3.25 -7.44 -13.44
N TYR A 118 -2.88 -8.70 -13.67
CA TYR A 118 -2.12 -9.13 -14.83
C TYR A 118 -2.54 -10.56 -15.14
N ASP A 119 -2.79 -10.85 -16.41
CA ASP A 119 -3.18 -12.21 -16.81
C ASP A 119 -4.47 -12.65 -16.10
N GLY A 120 -5.37 -11.71 -15.80
CA GLY A 120 -6.57 -12.05 -15.06
C GLY A 120 -6.38 -12.50 -13.62
N ALA A 121 -5.31 -12.05 -12.96
CA ALA A 121 -5.11 -12.37 -11.55
C ALA A 121 -4.56 -11.16 -10.81
N ALA A 122 -5.08 -10.89 -9.62
CA ALA A 122 -4.56 -9.81 -8.79
C ALA A 122 -3.12 -10.07 -8.37
N ALA A 123 -2.27 -9.05 -8.56
CA ALA A 123 -0.87 -9.11 -8.22
C ALA A 123 -0.46 -8.12 -7.13
N GLY A 124 -1.19 -7.04 -6.93
CA GLY A 124 -0.80 -6.01 -5.98
C GLY A 124 -1.99 -5.15 -5.64
N VAL A 125 -1.94 -4.55 -4.45
CA VAL A 125 -3.01 -3.65 -4.01
C VAL A 125 -2.39 -2.45 -3.31
N TYR A 126 -2.83 -1.25 -3.69
CA TYR A 126 -2.32 -0.03 -3.07
C TYR A 126 -3.40 1.03 -3.14
N GLY A 127 -3.31 2.01 -2.23
CA GLY A 127 -4.24 3.12 -2.23
C GLY A 127 -3.75 4.22 -3.15
N VAL A 128 -4.70 4.96 -3.73
CA VAL A 128 -4.42 6.07 -4.62
C VAL A 128 -5.35 7.21 -4.28
N ASN A 129 -5.05 8.39 -4.83
CA ASN A 129 -5.89 9.56 -4.69
C ASN A 129 -6.07 10.26 -6.03
N MET A 130 -7.34 10.50 -6.41
CA MET A 130 -7.67 11.15 -7.68
C MET A 130 -7.16 12.60 -7.74
N ARG A 131 -6.34 12.88 -8.72
CA ARG A 131 -5.74 14.20 -8.85
C ARG A 131 -6.73 15.18 -9.47
N SER A 132 -6.35 16.46 -9.47
CA SER A 132 -7.24 17.48 -10.01
C SER A 132 -7.39 17.35 -11.51
N ASN A 133 -6.38 16.80 -12.19
CA ASN A 133 -6.46 16.55 -13.62
C ASN A 133 -7.02 15.15 -13.92
N TYR A 134 -7.71 14.54 -12.95
CA TYR A 134 -8.37 13.24 -13.10
C TYR A 134 -7.42 12.12 -13.50
N THR A 135 -6.17 12.18 -13.06
CA THR A 135 -5.23 11.09 -13.20
C THR A 135 -4.88 10.54 -11.82
N ILE A 136 -4.29 9.35 -11.79
CA ILE A 136 -3.79 8.80 -10.54
C ILE A 136 -2.31 8.48 -10.69
N ARG A 137 -1.62 8.41 -9.55
CA ARG A 137 -0.20 8.13 -9.54
C ARG A 137 -0.12 6.62 -9.31
N GLY A 138 -0.12 5.87 -10.42
CA GLY A 138 -0.20 4.44 -10.36
C GLY A 138 1.12 3.78 -10.74
N SER A 139 1.08 2.46 -10.67
CA SER A 139 2.14 1.62 -11.19
C SER A 139 1.44 0.53 -11.98
N PHE A 140 1.45 0.68 -13.30
CA PHE A 140 0.83 -0.23 -14.25
C PHE A 140 1.77 -0.38 -15.44
N ILE A 141 1.86 -1.59 -15.98
CA ILE A 141 2.56 -1.82 -17.23
C ILE A 141 1.61 -2.53 -18.18
N ASN A 142 2.09 -2.84 -19.38
CA ASN A 142 1.19 -3.40 -20.40
C ASN A 142 0.58 -4.70 -19.88
N GLY A 143 -0.74 -4.82 -20.05
CA GLY A 143 -1.48 -5.97 -19.55
C GLY A 143 -2.35 -5.65 -18.34
N ALA A 144 -2.21 -4.45 -17.78
CA ALA A 144 -2.88 -4.05 -16.55
C ALA A 144 -4.24 -3.42 -16.78
N ALA A 145 -4.58 -3.01 -18.00
CA ALA A 145 -5.90 -2.43 -18.27
C ALA A 145 -6.99 -3.36 -17.77
N GLY A 146 -8.03 -2.78 -17.19
CA GLY A 146 -9.05 -3.58 -16.57
C GLY A 146 -8.85 -3.82 -15.08
N SER A 147 -7.71 -3.42 -14.53
CA SER A 147 -7.49 -3.49 -13.08
C SER A 147 -8.53 -2.62 -12.37
N PRO A 148 -9.29 -3.14 -11.42
CA PRO A 148 -10.37 -2.37 -10.81
C PRO A 148 -9.92 -1.49 -9.66
N GLY A 149 -10.65 -0.40 -9.46
CA GLY A 149 -10.47 0.45 -8.29
C GLY A 149 -11.72 0.41 -7.46
N TYR A 150 -11.56 0.40 -6.13
CA TYR A 150 -12.70 0.06 -5.28
C TYR A 150 -12.55 0.74 -3.94
N ASN A 151 -13.67 1.01 -3.31
CA ASN A 151 -13.73 1.32 -1.89
C ASN A 151 -14.67 0.32 -1.26
N ILE A 152 -14.47 0.01 0.02
CA ILE A 152 -15.34 -0.93 0.73
C ILE A 152 -15.97 -0.20 1.91
N ASN A 153 -17.31 -0.13 1.91
CA ASN A 153 -18.08 0.59 2.93
C ASN A 153 -19.12 -0.37 3.49
N ASN A 154 -18.93 -0.77 4.76
CA ASN A 154 -19.93 -1.50 5.53
C ASN A 154 -20.27 -2.86 4.92
N GLY A 155 -19.30 -3.49 4.27
CA GLY A 155 -19.52 -4.75 3.60
C GLY A 155 -19.80 -4.67 2.11
N THR A 156 -20.17 -3.50 1.60
CA THR A 156 -20.46 -3.33 0.17
C THR A 156 -19.23 -2.81 -0.58
N VAL A 157 -18.95 -3.38 -1.75
CA VAL A 157 -17.84 -2.93 -2.58
C VAL A 157 -18.35 -1.84 -3.53
N GLU A 158 -17.79 -0.65 -3.44
CA GLU A 158 -18.11 0.46 -4.34
C GLU A 158 -17.03 0.52 -5.43
N PHE A 159 -17.35 0.04 -6.63
CA PHE A 159 -16.41 0.04 -7.74
C PHE A 159 -16.40 1.40 -8.45
N CYS A 160 -15.21 1.97 -8.64
CA CYS A 160 -15.12 3.34 -9.14
C CYS A 160 -14.16 3.56 -10.28
N TYR A 161 -13.40 2.54 -10.69
CA TYR A 161 -12.29 2.74 -11.62
C TYR A 161 -12.00 1.41 -12.31
N LEU A 162 -11.84 1.42 -13.64
CA LEU A 162 -11.19 0.32 -14.37
C LEU A 162 -10.06 0.92 -15.19
N HIS A 163 -8.86 0.39 -15.04
CA HIS A 163 -7.69 1.04 -15.62
C HIS A 163 -7.73 0.98 -17.15
N GLN A 164 -7.34 2.09 -17.78
CA GLN A 164 -7.39 2.19 -19.24
C GLN A 164 -6.03 2.43 -19.85
N LEU A 165 -5.37 3.53 -19.49
CA LEU A 165 -4.28 4.00 -20.31
C LEU A 165 -3.28 4.75 -19.44
N GLU A 166 -2.11 4.96 -20.02
CA GLU A 166 -1.02 5.71 -19.44
C GLU A 166 -0.74 6.91 -20.33
N LEU A 167 -0.75 8.10 -19.75
CA LEU A 167 -0.42 9.26 -20.57
C LEU A 167 1.09 9.31 -20.79
N GLY A 168 1.51 10.05 -21.83
CA GLY A 168 2.92 10.08 -22.18
C GLY A 168 3.82 10.61 -21.08
N SER A 169 3.23 11.18 -20.03
CA SER A 169 3.96 11.70 -18.88
C SER A 169 3.98 10.73 -17.70
N GLY A 170 3.47 9.50 -17.87
CA GLY A 170 3.42 8.54 -16.78
C GLY A 170 2.16 8.56 -15.94
N CYS A 171 1.31 9.59 -16.10
CA CYS A 171 0.04 9.67 -15.39
C CYS A 171 -0.87 8.52 -15.82
N HIS A 172 -1.72 8.04 -14.91
CA HIS A 172 -2.62 6.95 -15.28
C HIS A 172 -4.09 7.37 -15.25
N VAL A 173 -4.85 6.78 -16.18
CA VAL A 173 -6.24 7.15 -16.43
C VAL A 173 -7.07 5.88 -16.55
N GLY A 174 -8.24 5.89 -15.92
CA GLY A 174 -9.20 4.81 -16.07
C GLY A 174 -10.58 5.37 -16.41
N SER A 175 -11.54 4.48 -16.50
CA SER A 175 -12.92 4.94 -16.64
C SER A 175 -13.72 4.50 -15.43
N ASP A 176 -14.88 5.11 -15.25
CA ASP A 176 -15.77 4.59 -14.22
C ASP A 176 -16.50 3.38 -14.78
N LEU A 177 -17.33 2.77 -13.95
CA LEU A 177 -17.94 1.50 -14.33
C LEU A 177 -19.13 1.71 -15.26
N ASP A 178 -19.57 2.96 -15.43
CA ASP A 178 -20.51 3.37 -16.46
C ASP A 178 -19.83 3.53 -17.81
N GLY A 179 -18.50 3.41 -17.85
CA GLY A 179 -17.76 3.59 -19.07
C GLY A 179 -17.41 5.02 -19.40
N VAL A 180 -17.56 5.96 -18.47
CA VAL A 180 -17.13 7.33 -18.71
C VAL A 180 -15.67 7.47 -18.32
N MET A 181 -14.81 7.84 -19.28
CA MET A 181 -13.39 8.05 -18.99
C MET A 181 -13.22 9.18 -18.00
N TYR A 182 -12.39 8.96 -16.97
CA TYR A 182 -12.07 10.07 -16.10
C TYR A 182 -11.28 11.14 -16.84
N GLY A 183 -11.61 12.39 -16.56
CA GLY A 183 -10.89 13.49 -17.20
C GLY A 183 -11.19 13.70 -18.68
N GLY A 184 -12.10 12.91 -19.26
CA GLY A 184 -12.44 13.01 -20.67
C GLY A 184 -11.36 12.61 -21.64
N TYR A 185 -10.28 11.97 -21.17
CA TYR A 185 -9.26 11.47 -22.09
C TYR A 185 -9.87 10.46 -23.05
N GLU A 186 -9.24 10.30 -24.20
CA GLU A 186 -9.71 9.37 -25.22
C GLU A 186 -8.89 8.10 -25.21
N ASP A 187 -9.56 6.96 -25.34
CA ASP A 187 -8.84 5.70 -25.48
C ASP A 187 -8.40 5.54 -26.94
N GLN A 188 -7.51 6.45 -27.34
CA GLN A 188 -6.82 6.53 -28.60
C GLN A 188 -5.32 6.68 -28.37
N PRO A 189 -4.50 6.01 -29.17
CA PRO A 189 -3.03 6.07 -29.01
C PRO A 189 -2.43 7.35 -29.58
N THR A 190 -2.86 8.48 -29.06
CA THR A 190 -2.59 9.78 -29.67
C THR A 190 -2.01 10.74 -28.64
N LEU A 191 -1.43 11.83 -29.15
CA LEU A 191 -0.95 12.90 -28.29
C LEU A 191 -2.15 13.60 -27.66
N GLN A 192 -2.18 13.63 -26.33
CA GLN A 192 -3.12 14.41 -25.53
C GLN A 192 -2.41 14.69 -24.22
N VAL A 193 -2.22 15.96 -23.89
CA VAL A 193 -1.43 16.35 -22.73
C VAL A 193 -2.35 16.67 -21.56
N GLU A 194 -1.98 16.19 -20.37
CA GLU A 194 -2.88 16.31 -19.24
C GLU A 194 -2.93 17.74 -18.73
N GLY A 195 -4.05 18.07 -18.08
CA GLY A 195 -4.15 19.36 -17.43
C GLY A 195 -3.12 19.51 -16.32
N ALA A 196 -2.89 20.76 -15.95
CA ALA A 196 -2.03 21.00 -14.80
C ALA A 196 -2.65 20.35 -13.57
N SER A 197 -1.82 20.06 -12.60
CA SER A 197 -2.25 19.33 -11.42
C SER A 197 -1.90 20.14 -10.18
N SER A 198 -2.91 20.48 -9.37
CA SER A 198 -2.75 21.31 -8.18
C SER A 198 -2.96 20.47 -6.93
N LEU A 199 -2.05 20.63 -5.96
CA LEU A 199 -2.19 19.93 -4.69
C LEU A 199 -3.54 20.22 -4.05
N PHE A 200 -4.16 19.18 -3.52
CA PHE A 200 -5.47 19.27 -2.87
C PHE A 200 -5.24 19.74 -1.44
N THR A 201 -5.55 21.01 -1.16
CA THR A 201 -5.13 21.61 0.10
C THR A 201 -5.77 20.91 1.30
N GLU A 202 -7.05 20.54 1.20
CA GLU A 202 -7.69 19.89 2.35
C GLU A 202 -6.94 18.63 2.74
N ASN A 203 -6.48 17.85 1.76
CA ASN A 203 -5.70 16.65 2.05
C ASN A 203 -4.36 17.00 2.68
N VAL A 204 -3.69 18.05 2.17
CA VAL A 204 -2.44 18.51 2.77
C VAL A 204 -2.65 18.86 4.23
N LEU A 205 -3.74 19.57 4.54
CA LEU A 205 -4.08 19.84 5.94
C LEU A 205 -4.24 18.56 6.74
N ALA A 206 -4.94 17.56 6.19
CA ALA A 206 -5.11 16.31 6.92
C ALA A 206 -3.77 15.67 7.27
N PHE A 207 -2.82 15.74 6.34
CA PHE A 207 -1.50 15.16 6.54
C PHE A 207 -0.73 15.90 7.63
N LEU A 208 -0.90 17.22 7.70
CA LEU A 208 -0.22 18.03 8.71
C LEU A 208 -0.84 17.85 10.09
N TYR A 209 -2.18 17.72 10.15
CA TYR A 209 -2.81 17.33 11.41
C TYR A 209 -2.32 15.96 11.88
N ALA A 210 -2.18 14.99 10.97
CA ALA A 210 -1.64 13.70 11.37
C ALA A 210 -0.20 13.85 11.85
N ALA A 211 0.58 14.66 11.15
CA ALA A 211 1.93 14.99 11.62
C ALA A 211 1.93 15.54 13.05
N LEU A 212 0.98 16.43 13.38
CA LEU A 212 0.86 16.92 14.75
C LEU A 212 0.49 15.80 15.72
N ILE A 213 -0.45 14.95 15.33
CA ILE A 213 -0.89 13.88 16.23
C ILE A 213 0.26 12.96 16.57
N ASN A 214 1.19 12.77 15.64
CA ASN A 214 2.35 11.89 15.80
C ASN A 214 3.58 12.61 16.34
N GLY A 215 3.41 13.83 16.83
CA GLY A 215 4.51 14.54 17.47
C GLY A 215 5.45 15.31 16.56
N SER A 216 5.15 15.45 15.27
CA SER A 216 5.97 16.27 14.38
C SER A 216 5.47 17.71 14.44
N THR A 217 6.29 18.62 14.99
CA THR A 217 5.82 19.97 15.28
C THR A 217 6.80 21.08 14.89
N TRP A 218 8.01 20.74 14.41
CA TRP A 218 9.05 21.75 14.14
C TRP A 218 8.62 22.74 13.06
N TRP A 219 7.72 22.34 12.19
CA TRP A 219 7.27 23.15 11.07
C TRP A 219 6.10 24.05 11.41
N LEU A 220 5.55 23.93 12.61
CA LEU A 220 4.30 24.60 12.94
C LEU A 220 4.51 26.10 13.10
N SER A 221 3.76 26.86 12.30
CA SER A 221 3.84 28.31 12.35
C SER A 221 3.38 28.81 13.71
N SER A 222 4.15 29.74 14.29
CA SER A 222 3.60 30.59 15.33
C SER A 222 2.50 31.46 14.75
N SER A 223 2.69 31.92 13.51
CA SER A 223 1.82 32.89 12.86
C SER A 223 0.64 32.18 12.20
N ARG A 224 -0.12 32.93 11.40
CA ARG A 224 -1.38 32.42 10.86
C ARG A 224 -1.68 33.16 9.58
N ILE A 225 -2.72 32.70 8.89
CA ILE A 225 -3.22 33.36 7.68
C ILE A 225 -4.69 32.99 7.50
N ALA A 226 -5.52 33.99 7.21
CA ALA A 226 -6.93 33.71 7.00
C ALA A 226 -7.12 32.92 5.70
N VAL A 227 -8.16 32.09 5.69
CA VAL A 227 -8.57 31.31 4.54
C VAL A 227 -8.45 32.12 3.24
N ASP A 228 -9.06 33.31 3.24
CA ASP A 228 -9.14 34.10 2.01
C ASP A 228 -7.75 34.49 1.52
N ARG A 229 -6.93 35.06 2.41
CA ARG A 229 -5.57 35.44 2.05
C ARG A 229 -4.74 34.24 1.59
N PHE A 230 -5.01 33.06 2.15
CA PHE A 230 -4.38 31.85 1.65
C PHE A 230 -4.83 31.54 0.22
N ASN A 231 -6.14 31.59 -0.01
CA ASN A 231 -6.72 31.19 -1.29
C ASN A 231 -6.19 32.05 -2.44
N GLU A 232 -6.02 33.36 -2.21
CA GLU A 232 -5.43 34.19 -3.26
C GLU A 232 -3.98 33.79 -3.54
N TRP A 233 -3.30 33.20 -2.54
CA TRP A 233 -1.94 32.73 -2.76
C TRP A 233 -1.91 31.36 -3.41
N ALA A 234 -2.94 30.55 -3.17
CA ALA A 234 -2.94 29.18 -3.66
C ALA A 234 -3.01 29.11 -5.18
N VAL A 235 -3.84 29.95 -5.81
CA VAL A 235 -4.04 29.90 -7.25
C VAL A 235 -2.83 30.38 -8.04
N HIS A 236 -1.79 30.91 -7.39
CA HIS A 236 -0.53 31.20 -8.05
C HIS A 236 0.58 30.22 -7.68
N ASN A 237 0.29 29.23 -6.83
CA ASN A 237 1.33 28.34 -6.30
C ASN A 237 0.96 26.87 -6.36
N GLY A 238 0.05 26.48 -7.25
CA GLY A 238 -0.20 25.06 -7.48
C GLY A 238 -0.95 24.35 -6.37
N MET A 239 -1.85 25.06 -5.68
CA MET A 239 -2.68 24.42 -4.67
C MET A 239 -4.11 24.89 -4.83
N THR A 240 -5.01 24.03 -4.40
CA THR A 240 -6.44 24.31 -4.49
C THR A 240 -6.84 25.25 -3.36
N THR A 241 -7.98 25.92 -3.54
CA THR A 241 -8.44 26.80 -2.49
C THR A 241 -9.19 25.98 -1.45
N VAL A 242 -9.31 26.54 -0.24
CA VAL A 242 -10.12 25.96 0.83
C VAL A 242 -11.31 26.88 1.05
N VAL A 243 -12.47 26.28 1.35
CA VAL A 243 -13.71 27.02 1.51
C VAL A 243 -14.40 26.61 2.80
N ASN A 244 -14.42 25.31 3.08
CA ASN A 244 -15.04 24.77 4.28
C ASN A 244 -13.95 24.21 5.19
N THR A 245 -13.87 24.74 6.41
CA THR A 245 -12.90 24.31 7.40
C THR A 245 -13.55 23.49 8.51
N ASP A 246 -14.69 22.88 8.22
CA ASP A 246 -15.50 22.29 9.27
C ASP A 246 -15.23 20.81 9.49
N CYS A 247 -14.68 20.12 8.48
CA CYS A 247 -14.20 18.76 8.68
C CYS A 247 -12.90 18.71 9.49
N PHE A 248 -12.25 19.85 9.71
CA PHE A 248 -11.05 19.93 10.53
C PHE A 248 -11.36 20.34 11.97
N SER A 249 -12.62 20.58 12.30
CA SER A 249 -12.97 20.97 13.65
C SER A 249 -12.46 19.96 14.68
N ILE A 250 -12.73 18.68 14.43
CA ILE A 250 -12.35 17.66 15.41
C ILE A 250 -10.85 17.52 15.47
N PHE A 251 -10.15 17.84 14.38
CA PHE A 251 -8.69 17.85 14.41
C PHE A 251 -8.18 19.03 15.22
N ALA A 252 -8.80 20.21 15.02
CA ALA A 252 -8.40 21.39 15.77
C ALA A 252 -8.54 21.18 17.26
N ALA A 253 -9.57 20.42 17.67
CA ALA A 253 -9.79 20.18 19.10
C ALA A 253 -8.77 19.21 19.67
N LYS A 254 -8.43 18.14 18.94
CA LYS A 254 -7.53 17.15 19.51
C LYS A 254 -6.09 17.61 19.50
N THR A 255 -5.74 18.61 18.72
CA THR A 255 -4.39 19.13 18.76
C THR A 255 -4.30 20.51 19.37
N GLY A 256 -5.42 21.24 19.47
CA GLY A 256 -5.33 22.64 19.82
C GLY A 256 -4.82 23.57 18.73
N VAL A 257 -4.60 23.08 17.52
CA VAL A 257 -4.04 23.88 16.42
C VAL A 257 -5.12 24.13 15.37
N ASP A 258 -5.40 25.39 15.08
CA ASP A 258 -6.43 25.70 14.09
C ASP A 258 -5.83 25.78 12.68
N VAL A 259 -6.74 25.78 11.70
CA VAL A 259 -6.37 25.63 10.30
C VAL A 259 -5.52 26.80 9.81
N GLN A 260 -5.80 28.02 10.30
CA GLN A 260 -5.06 29.19 9.84
C GLN A 260 -3.58 29.11 10.21
N ARG A 261 -3.25 28.37 11.27
CA ARG A 261 -1.85 28.18 11.60
C ARG A 261 -1.20 27.22 10.61
N LEU A 262 -1.87 26.09 10.33
CA LEU A 262 -1.39 25.15 9.32
C LEU A 262 -1.27 25.81 7.95
N LEU A 263 -2.27 26.63 7.58
CA LEU A 263 -2.22 27.28 6.26
C LEU A 263 -0.96 28.14 6.11
N ALA A 264 -0.52 28.78 7.20
CA ALA A 264 0.73 29.51 7.18
C ALA A 264 1.93 28.56 7.10
N SER A 265 1.86 27.43 7.79
CA SER A 265 2.93 26.44 7.64
C SER A 265 3.03 25.96 6.19
N ILE A 266 1.88 25.79 5.54
CA ILE A 266 1.84 25.29 4.16
C ILE A 266 2.63 26.20 3.22
N GLN A 267 2.40 27.50 3.32
CA GLN A 267 3.14 28.45 2.47
C GLN A 267 4.64 28.32 2.72
N SER A 268 5.04 28.26 4.00
CA SER A 268 6.45 28.14 4.33
C SER A 268 7.04 26.82 3.85
N LEU A 269 6.24 25.74 3.87
CA LEU A 269 6.70 24.42 3.51
C LEU A 269 6.61 24.12 2.03
N HIS A 270 5.78 24.87 1.30
CA HIS A 270 5.67 24.69 -0.14
C HIS A 270 7.01 24.92 -0.83
N LYS A 271 7.84 25.79 -0.26
CA LYS A 271 9.11 26.20 -0.85
C LYS A 271 10.19 25.15 -0.65
N ASN A 272 10.43 24.73 0.61
CA ASN A 272 11.27 23.58 0.90
C ASN A 272 11.02 23.13 2.34
N PHE A 273 11.41 21.88 2.61
CA PHE A 273 11.44 21.38 3.97
C PHE A 273 12.76 21.70 4.67
N GLY A 274 13.75 22.16 3.91
CA GLY A 274 15.06 22.49 4.47
C GLY A 274 15.78 21.29 5.04
N GLY A 275 15.85 20.20 4.27
CA GLY A 275 16.54 19.01 4.70
C GLY A 275 15.85 18.21 5.78
N LYS A 276 14.89 18.79 6.48
CA LYS A 276 14.12 18.07 7.47
C LYS A 276 12.99 17.27 6.81
N GLN A 277 12.33 16.44 7.60
CA GLN A 277 11.27 15.59 7.08
C GLN A 277 10.04 15.68 7.98
N ILE A 278 8.89 15.36 7.40
CA ILE A 278 7.64 15.25 8.13
C ILE A 278 7.12 13.84 7.88
N LEU A 279 7.12 13.01 8.93
CA LEU A 279 6.62 11.63 8.83
C LEU A 279 7.28 10.88 7.67
N GLY A 280 8.57 11.14 7.46
CA GLY A 280 9.34 10.51 6.41
C GLY A 280 9.35 11.26 5.09
N TYR A 281 8.45 12.20 4.89
CA TYR A 281 8.31 12.94 3.64
C TYR A 281 9.19 14.18 3.64
N THR A 282 9.66 14.55 2.45
CA THR A 282 10.43 15.77 2.24
C THR A 282 9.70 16.76 1.36
N SER A 283 8.41 16.53 1.14
CA SER A 283 7.60 17.35 0.27
C SER A 283 6.17 17.22 0.75
N LEU A 284 5.38 18.27 0.52
CA LEU A 284 3.98 18.21 0.88
C LEU A 284 3.28 17.12 0.07
N THR A 285 2.41 16.35 0.73
CA THR A 285 1.67 15.34 0.02
C THR A 285 0.18 15.53 0.28
N ASP A 286 -0.60 15.34 -0.78
CA ASP A 286 -2.04 15.47 -0.76
C ASP A 286 -2.76 14.15 -0.99
N GLU A 287 -2.11 13.02 -0.69
CA GLU A 287 -2.76 11.72 -0.93
C GLU A 287 -3.59 11.24 0.24
N PHE A 288 -3.55 11.92 1.39
CA PHE A 288 -4.28 11.48 2.58
C PHE A 288 -5.50 12.38 2.78
N THR A 289 -6.67 11.77 2.88
CA THR A 289 -7.89 12.51 3.22
C THR A 289 -8.13 12.51 4.72
N THR A 290 -9.00 13.41 5.16
CA THR A 290 -9.30 13.46 6.59
C THR A 290 -9.85 12.12 7.07
N GLY A 291 -10.71 11.49 6.25
CA GLY A 291 -11.26 10.20 6.62
C GLY A 291 -10.20 9.14 6.82
N GLU A 292 -9.20 9.10 5.93
CA GLU A 292 -8.09 8.18 6.09
C GLU A 292 -7.34 8.43 7.39
N VAL A 293 -7.00 9.69 7.63
CA VAL A 293 -6.27 10.06 8.84
C VAL A 293 -7.05 9.66 10.08
N ILE A 294 -8.36 9.94 10.10
CA ILE A 294 -9.17 9.62 11.28
C ILE A 294 -9.12 8.12 11.59
N ARG A 295 -9.37 7.27 10.59
CA ARG A 295 -9.37 5.84 10.87
C ARG A 295 -8.00 5.33 11.33
N GLN A 296 -6.91 5.91 10.81
CA GLN A 296 -5.59 5.46 11.24
C GLN A 296 -5.23 5.96 12.63
N MET A 297 -5.47 7.24 12.87
CA MET A 297 -5.04 7.80 14.17
C MET A 297 -5.99 7.36 15.30
N TYR A 298 -7.19 6.88 14.98
CA TYR A 298 -8.19 6.65 16.07
C TYR A 298 -9.02 5.37 15.93
N GLY A 299 -9.22 4.88 14.74
CA GLY A 299 -10.12 3.71 14.59
C GLY A 299 -11.47 4.12 14.03
N ALA B 2 4.58 2.24 -16.62
CA ALA B 2 5.51 3.15 -15.98
C ALA B 2 5.05 3.40 -14.54
N GLY B 3 5.96 3.84 -13.70
CA GLY B 3 5.60 4.17 -12.33
C GLY B 3 6.18 3.17 -11.34
N LEU B 4 6.25 3.60 -10.09
CA LEU B 4 6.70 2.74 -8.99
C LEU B 4 5.86 3.09 -7.78
N ARG B 5 5.22 2.08 -7.18
CA ARG B 5 4.45 2.26 -5.96
C ARG B 5 4.78 1.18 -4.95
N LYS B 6 4.80 1.55 -3.67
CA LYS B 6 4.90 0.55 -2.62
C LYS B 6 3.59 -0.22 -2.57
N MET B 7 3.59 -1.46 -3.02
CA MET B 7 2.39 -2.28 -3.08
C MET B 7 2.41 -3.35 -2.00
N ALA B 8 1.23 -3.90 -1.73
CA ALA B 8 1.06 -5.11 -0.94
C ALA B 8 0.61 -6.25 -1.84
N GLN B 9 1.06 -7.48 -1.56
CA GLN B 9 0.46 -8.60 -2.27
C GLN B 9 -1.00 -8.76 -1.82
N PRO B 10 -1.87 -9.31 -2.67
CA PRO B 10 -3.28 -9.39 -2.30
C PRO B 10 -3.45 -10.21 -1.04
N SER B 11 -4.38 -9.78 -0.20
CA SER B 11 -4.51 -10.30 1.16
C SER B 11 -5.57 -11.38 1.33
N GLY B 12 -6.34 -11.70 0.28
CA GLY B 12 -7.49 -12.59 0.45
C GLY B 12 -7.16 -13.89 1.17
N VAL B 13 -6.05 -14.52 0.81
CA VAL B 13 -5.71 -15.82 1.41
C VAL B 13 -5.46 -15.71 2.92
N VAL B 14 -5.05 -14.54 3.41
CA VAL B 14 -4.76 -14.38 4.83
C VAL B 14 -5.95 -13.84 5.64
N GLU B 15 -6.84 -13.08 4.99
CA GLU B 15 -7.98 -12.49 5.69
C GLU B 15 -8.83 -13.54 6.42
N LYS B 16 -8.95 -14.72 5.84
CA LYS B 16 -9.74 -15.80 6.43
C LYS B 16 -9.10 -16.41 7.67
N CYS B 17 -7.86 -16.06 8.00
CA CYS B 17 -7.16 -16.68 9.12
C CYS B 17 -7.08 -15.79 10.34
N ILE B 18 -7.72 -14.63 10.34
CA ILE B 18 -7.70 -13.70 11.45
C ILE B 18 -8.80 -14.08 12.44
N VAL B 19 -8.47 -14.09 13.73
CA VAL B 19 -9.48 -14.29 14.75
C VAL B 19 -9.35 -13.19 15.79
N ARG B 20 -10.40 -13.02 16.57
CA ARG B 20 -10.36 -12.18 17.75
C ARG B 20 -9.99 -13.01 18.96
N VAL B 21 -9.07 -12.50 19.77
CA VAL B 21 -8.63 -13.22 20.97
C VAL B 21 -8.79 -12.30 22.17
N CYS B 22 -9.66 -12.68 23.09
CA CYS B 22 -9.95 -11.90 24.28
C CYS B 22 -9.65 -12.71 25.53
N TYR B 23 -9.04 -12.05 26.50
CA TYR B 23 -8.83 -12.66 27.80
C TYR B 23 -8.94 -11.54 28.82
N GLY B 24 -9.93 -11.64 29.70
CA GLY B 24 -10.19 -10.56 30.63
C GLY B 24 -10.50 -9.28 29.90
N ASN B 25 -9.79 -8.21 30.24
CA ASN B 25 -10.00 -6.91 29.64
C ASN B 25 -9.04 -6.63 28.49
N MET B 26 -8.39 -7.66 27.99
CA MET B 26 -7.44 -7.55 26.89
C MET B 26 -8.11 -8.08 25.63
N ALA B 27 -7.88 -7.41 24.51
CA ALA B 27 -8.40 -7.88 23.24
C ALA B 27 -7.39 -7.58 22.15
N LEU B 28 -7.05 -8.58 21.36
CA LEU B 28 -6.14 -8.38 20.24
C LEU B 28 -6.44 -9.46 19.20
N ASN B 29 -5.55 -9.60 18.23
CA ASN B 29 -5.78 -10.46 17.08
C ASN B 29 -4.97 -11.74 17.18
N GLY B 30 -5.52 -12.80 16.58
CA GLY B 30 -4.82 -14.05 16.47
C GLY B 30 -4.82 -14.54 15.04
N LEU B 31 -3.96 -15.53 14.78
CA LEU B 31 -3.79 -16.14 13.48
C LEU B 31 -4.18 -17.61 13.61
N TRP B 32 -5.28 -18.00 12.95
CA TRP B 32 -5.90 -19.34 13.08
C TRP B 32 -5.46 -20.19 11.89
N LEU B 33 -4.52 -21.11 12.12
CA LEU B 33 -4.08 -22.04 11.09
C LEU B 33 -4.32 -23.46 11.59
N GLY B 34 -5.03 -24.27 10.82
CA GLY B 34 -5.29 -25.61 11.33
C GLY B 34 -6.15 -25.53 12.58
N ASP B 35 -5.77 -26.27 13.62
CA ASP B 35 -6.49 -26.21 14.88
C ASP B 35 -5.73 -25.42 15.94
N THR B 36 -4.93 -24.42 15.51
CA THR B 36 -4.17 -23.63 16.46
C THR B 36 -4.35 -22.15 16.18
N VAL B 37 -4.32 -21.37 17.25
CA VAL B 37 -4.39 -19.92 17.16
C VAL B 37 -3.13 -19.37 17.82
N MET B 38 -2.35 -18.61 17.06
CA MET B 38 -1.13 -17.96 17.53
C MET B 38 -1.46 -16.52 17.86
N CYS B 39 -1.11 -16.08 19.05
CA CYS B 39 -1.31 -14.67 19.37
C CYS B 39 -0.23 -14.22 20.32
N PRO B 40 -0.03 -12.90 20.45
CA PRO B 40 0.97 -12.41 21.41
C PRO B 40 0.58 -12.76 22.83
N ARG B 41 1.58 -13.08 23.66
CA ARG B 41 1.31 -13.56 25.01
C ARG B 41 0.86 -12.46 25.96
N HIS B 42 0.98 -11.17 25.60
CA HIS B 42 0.54 -10.17 26.57
C HIS B 42 -0.97 -10.04 26.63
N VAL B 43 -1.70 -10.82 25.84
CA VAL B 43 -3.15 -10.85 26.03
C VAL B 43 -3.51 -11.37 27.43
N ILE B 44 -2.66 -12.20 28.03
CA ILE B 44 -2.98 -12.77 29.35
C ILE B 44 -2.32 -12.02 30.48
N ALA B 45 -1.76 -10.83 30.21
CA ALA B 45 -1.06 -10.05 31.22
C ALA B 45 -2.04 -9.19 32.01
N SER B 46 -1.77 -9.06 33.31
CA SER B 46 -2.58 -8.23 34.21
C SER B 46 -1.66 -7.39 35.10
N SER B 50 4.02 -3.46 37.04
CA SER B 50 5.22 -3.20 36.25
C SER B 50 5.59 -4.36 35.33
N THR B 51 6.69 -5.04 35.64
CA THR B 51 7.19 -6.10 34.79
C THR B 51 6.34 -7.36 34.94
N ILE B 52 6.14 -8.04 33.83
CA ILE B 52 5.17 -9.12 33.70
C ILE B 52 5.90 -10.45 33.78
N ASP B 53 5.48 -11.30 34.71
CA ASP B 53 5.94 -12.69 34.76
C ASP B 53 4.94 -13.49 33.95
N TYR B 54 5.28 -13.75 32.68
CA TYR B 54 4.35 -14.47 31.82
C TYR B 54 4.14 -15.90 32.31
N ASP B 55 5.19 -16.53 32.85
CA ASP B 55 5.03 -17.90 33.31
C ASP B 55 4.04 -17.99 34.46
N TYR B 56 4.00 -16.97 35.32
CA TYR B 56 3.01 -16.96 36.39
C TYR B 56 1.61 -16.69 35.83
N ALA B 57 1.49 -15.69 34.95
CA ALA B 57 0.20 -15.42 34.31
C ALA B 57 -0.36 -16.67 33.66
N LEU B 58 0.49 -17.45 32.97
CA LEU B 58 0.03 -18.69 32.34
C LEU B 58 -0.36 -19.75 33.36
N SER B 59 0.17 -19.68 34.58
CA SER B 59 -0.16 -20.67 35.60
C SER B 59 -1.48 -20.36 36.30
N VAL B 60 -1.92 -19.11 36.33
CA VAL B 60 -3.24 -18.75 36.86
C VAL B 60 -4.30 -18.70 35.76
N LEU B 61 -3.97 -19.16 34.55
CA LEU B 61 -4.88 -19.08 33.42
C LEU B 61 -5.96 -20.15 33.52
N ARG B 62 -7.22 -19.76 33.30
CA ARG B 62 -8.31 -20.72 33.11
C ARG B 62 -8.79 -20.64 31.66
N LEU B 63 -8.90 -21.80 31.00
CA LEU B 63 -9.16 -21.80 29.56
C LEU B 63 -10.49 -21.17 29.22
N HIS B 64 -11.49 -21.30 30.10
CA HIS B 64 -12.83 -20.76 29.87
C HIS B 64 -12.89 -19.24 29.92
N ASN B 65 -11.82 -18.56 30.33
CA ASN B 65 -11.78 -17.10 30.29
C ASN B 65 -11.35 -16.55 28.93
N PHE B 66 -10.94 -17.40 28.00
CA PHE B 66 -10.67 -16.95 26.65
C PHE B 66 -11.98 -16.74 25.90
N SER B 67 -11.98 -15.79 24.97
CA SER B 67 -13.03 -15.67 23.97
C SER B 67 -12.35 -15.52 22.62
N ILE B 68 -12.39 -16.57 21.82
CA ILE B 68 -11.76 -16.58 20.49
C ILE B 68 -12.87 -16.74 19.46
N SER B 69 -12.97 -15.79 18.54
CA SER B 69 -14.05 -15.84 17.56
C SER B 69 -13.54 -15.51 16.17
N SER B 70 -14.17 -16.12 15.17
CA SER B 70 -13.97 -15.79 13.77
C SER B 70 -15.28 -15.16 13.31
N GLY B 71 -15.32 -13.84 13.29
CA GLY B 71 -16.59 -13.15 13.08
C GLY B 71 -17.50 -13.38 14.26
N ASN B 72 -18.62 -14.08 14.02
CA ASN B 72 -19.56 -14.38 15.09
C ASN B 72 -19.52 -15.86 15.50
N VAL B 73 -18.53 -16.61 15.03
CA VAL B 73 -18.36 -18.03 15.34
C VAL B 73 -17.32 -18.17 16.45
N PHE B 74 -17.69 -18.78 17.56
CA PHE B 74 -16.79 -18.86 18.70
C PHE B 74 -16.07 -20.20 18.72
N LEU B 75 -14.76 -20.17 19.02
CA LEU B 75 -13.94 -21.37 19.01
C LEU B 75 -13.68 -21.83 20.44
N GLY B 76 -13.84 -23.13 20.69
CA GLY B 76 -13.52 -23.65 22.01
C GLY B 76 -12.01 -23.82 22.15
N VAL B 77 -11.49 -23.41 23.30
CA VAL B 77 -10.06 -23.49 23.59
C VAL B 77 -9.77 -24.81 24.30
N VAL B 78 -8.87 -25.61 23.74
CA VAL B 78 -8.51 -26.92 24.27
C VAL B 78 -7.21 -26.88 25.07
N GLY B 79 -6.22 -26.10 24.63
CA GLY B 79 -4.96 -26.04 25.34
C GLY B 79 -4.24 -24.75 25.02
N VAL B 80 -3.43 -24.29 25.97
CA VAL B 80 -2.56 -23.13 25.78
C VAL B 80 -1.14 -23.53 26.15
N THR B 81 -0.17 -23.09 25.33
CA THR B 81 1.24 -23.15 25.73
C THR B 81 1.94 -21.88 25.29
N MET B 82 3.14 -21.73 25.82
CA MET B 82 4.01 -20.59 25.54
C MET B 82 4.93 -20.94 24.38
N ARG B 83 5.02 -20.05 23.40
CA ARG B 83 6.01 -20.18 22.33
C ARG B 83 6.76 -18.85 22.23
N GLY B 84 7.88 -18.74 22.96
CA GLY B 84 8.57 -17.46 23.06
C GLY B 84 7.61 -16.34 23.47
N ALA B 85 7.49 -15.30 22.64
CA ALA B 85 6.60 -14.16 22.88
C ALA B 85 5.19 -14.39 22.36
N LEU B 86 4.82 -15.63 22.11
CA LEU B 86 3.51 -15.98 21.61
C LEU B 86 2.85 -17.01 22.51
N LEU B 87 1.52 -17.06 22.44
CA LEU B 87 0.75 -18.20 22.90
C LEU B 87 0.39 -19.08 21.71
N GLN B 88 0.51 -20.38 21.88
CA GLN B 88 -0.03 -21.34 20.94
C GLN B 88 -1.29 -21.90 21.60
N ILE B 89 -2.45 -21.53 21.07
CA ILE B 89 -3.73 -21.91 21.63
C ILE B 89 -4.34 -22.96 20.72
N LYS B 90 -4.55 -24.17 21.27
CA LYS B 90 -5.23 -25.23 20.53
C LYS B 90 -6.71 -25.04 20.65
N VAL B 91 -7.42 -25.06 19.52
CA VAL B 91 -8.85 -24.85 19.52
C VAL B 91 -9.52 -26.11 18.95
N ASN B 92 -10.83 -26.24 19.21
CA ASN B 92 -11.52 -27.49 18.84
C ASN B 92 -11.93 -27.56 17.37
N GLN B 93 -11.77 -26.49 16.60
CA GLN B 93 -12.21 -26.44 15.21
C GLN B 93 -11.05 -26.19 14.27
N ASN B 94 -10.94 -26.99 13.23
CA ASN B 94 -9.95 -26.78 12.18
C ASN B 94 -10.38 -25.65 11.24
N ASN B 95 -9.46 -24.75 10.92
CA ASN B 95 -9.75 -23.67 9.97
C ASN B 95 -9.78 -24.23 8.55
N VAL B 96 -10.99 -24.35 7.97
CA VAL B 96 -11.11 -24.90 6.62
C VAL B 96 -10.42 -24.03 5.57
N HIS B 97 -10.25 -22.74 5.85
CA HIS B 97 -9.62 -21.86 4.90
C HIS B 97 -8.10 -21.72 5.10
N THR B 98 -7.48 -22.66 5.80
CA THR B 98 -6.04 -22.58 6.06
C THR B 98 -5.27 -22.75 4.75
N PRO B 99 -4.51 -21.76 4.32
CA PRO B 99 -3.69 -21.92 3.12
C PRO B 99 -2.50 -22.83 3.38
N LYS B 100 -1.85 -23.21 2.29
CA LYS B 100 -0.53 -23.79 2.41
C LYS B 100 0.43 -22.71 2.92
N TYR B 101 1.15 -22.98 4.00
CA TYR B 101 1.99 -21.94 4.59
C TYR B 101 3.31 -22.49 5.14
N THR B 102 4.25 -21.56 5.34
CA THR B 102 5.51 -21.82 6.02
C THR B 102 5.77 -20.66 6.97
N TYR B 103 6.75 -20.82 7.85
CA TYR B 103 7.27 -19.71 8.64
C TYR B 103 8.63 -19.30 8.10
N ARG B 104 8.91 -18.00 8.08
CA ARG B 104 10.27 -17.56 7.78
C ARG B 104 10.61 -16.28 8.56
N THR B 105 11.85 -16.19 9.01
CA THR B 105 12.31 -15.01 9.73
C THR B 105 12.95 -14.06 8.73
N VAL B 106 12.44 -12.82 8.66
CA VAL B 106 12.91 -11.92 7.62
C VAL B 106 14.16 -11.22 8.13
N ARG B 107 14.97 -10.74 7.20
CA ARG B 107 16.23 -10.11 7.50
C ARG B 107 16.19 -8.63 7.19
N PRO B 108 17.09 -7.83 7.75
CA PRO B 108 17.08 -6.39 7.47
C PRO B 108 17.10 -6.12 5.97
N GLY B 109 16.23 -5.19 5.53
CA GLY B 109 16.15 -4.86 4.13
C GLY B 109 15.09 -5.60 3.34
N GLU B 110 14.48 -6.63 3.91
CA GLU B 110 13.54 -7.46 3.17
C GLU B 110 12.14 -6.88 3.24
N SER B 111 11.39 -7.03 2.17
CA SER B 111 10.03 -6.52 2.14
C SER B 111 9.02 -7.61 2.46
N PHE B 112 7.93 -7.23 3.14
CA PHE B 112 6.81 -8.13 3.36
C PHE B 112 5.54 -7.30 3.46
N ASN B 113 4.42 -7.94 3.77
CA ASN B 113 3.12 -7.28 3.78
C ASN B 113 2.56 -7.30 5.18
N ILE B 114 1.97 -6.18 5.62
CA ILE B 114 1.25 -6.13 6.88
C ILE B 114 -0.24 -6.15 6.62
N LEU B 115 -0.95 -7.08 7.22
CA LEU B 115 -2.41 -7.06 7.24
C LEU B 115 -2.82 -6.51 8.58
N ALA B 116 -3.13 -5.21 8.63
CA ALA B 116 -3.45 -4.57 9.91
C ALA B 116 -4.86 -4.95 10.34
N CYS B 117 -4.99 -5.46 11.57
CA CYS B 117 -6.21 -6.04 12.07
C CYS B 117 -6.64 -5.36 13.36
N TYR B 118 -7.96 -5.24 13.53
CA TYR B 118 -8.57 -4.76 14.77
C TYR B 118 -9.82 -5.60 14.99
N ASP B 119 -10.07 -5.94 16.26
CA ASP B 119 -11.24 -6.73 16.65
C ASP B 119 -11.30 -8.05 15.90
N GLY B 120 -10.14 -8.60 15.54
CA GLY B 120 -10.13 -9.86 14.83
C GLY B 120 -10.54 -9.77 13.38
N ALA B 121 -10.46 -8.60 12.76
CA ALA B 121 -10.79 -8.44 11.35
C ALA B 121 -9.78 -7.52 10.68
N ALA B 122 -9.37 -7.91 9.48
CA ALA B 122 -8.49 -7.08 8.67
C ALA B 122 -9.09 -5.71 8.44
N ALA B 123 -8.29 -4.66 8.62
CA ALA B 123 -8.73 -3.31 8.30
C ALA B 123 -7.93 -2.65 7.20
N GLY B 124 -6.68 -3.06 6.98
CA GLY B 124 -5.87 -2.46 5.95
C GLY B 124 -4.73 -3.39 5.61
N VAL B 125 -4.11 -3.13 4.47
CA VAL B 125 -2.97 -3.91 4.02
C VAL B 125 -1.96 -2.97 3.39
N TYR B 126 -0.68 -3.13 3.74
CA TYR B 126 0.37 -2.31 3.16
C TYR B 126 1.73 -3.04 3.16
N GLY B 127 2.60 -2.65 2.22
CA GLY B 127 3.96 -3.19 2.21
C GLY B 127 4.84 -2.47 3.21
N VAL B 128 5.81 -3.19 3.79
CA VAL B 128 6.80 -2.65 4.70
C VAL B 128 8.15 -3.28 4.37
N ASN B 129 9.17 -2.82 5.07
CA ASN B 129 10.55 -3.25 4.87
C ASN B 129 11.20 -3.28 6.25
N MET B 130 11.77 -4.44 6.62
CA MET B 130 12.42 -4.58 7.92
C MET B 130 13.63 -3.66 7.95
N ARG B 131 13.72 -2.80 8.96
CA ARG B 131 14.82 -1.85 9.00
C ARG B 131 16.06 -2.47 9.63
N SER B 132 17.15 -1.70 9.63
CA SER B 132 18.44 -2.18 10.12
C SER B 132 18.41 -2.39 11.61
N ASN B 133 17.53 -1.68 12.33
CA ASN B 133 17.36 -1.89 13.76
C ASN B 133 16.19 -2.83 14.05
N TYR B 134 15.73 -3.59 13.06
CA TYR B 134 14.70 -4.62 13.25
C TYR B 134 13.36 -4.04 13.66
N THR B 135 13.06 -2.80 13.26
CA THR B 135 11.74 -2.22 13.39
C THR B 135 11.12 -2.04 12.00
N ILE B 136 9.80 -1.88 11.95
CA ILE B 136 9.19 -1.50 10.68
C ILE B 136 8.51 -0.14 10.82
N ARG B 137 8.34 0.51 9.67
CA ARG B 137 7.71 1.82 9.64
C ARG B 137 6.22 1.58 9.40
N GLY B 138 5.48 1.49 10.50
CA GLY B 138 4.12 1.02 10.42
C GLY B 138 3.09 2.04 10.85
N SER B 139 1.86 1.55 10.91
CA SER B 139 0.72 2.32 11.34
C SER B 139 -0.13 1.30 12.10
N PHE B 140 0.00 1.33 13.42
CA PHE B 140 -0.72 0.46 14.34
C PHE B 140 -1.22 1.32 15.49
N ILE B 141 -2.42 1.04 15.98
CA ILE B 141 -2.90 1.62 17.21
C ILE B 141 -3.22 0.50 18.18
N ASN B 142 -3.52 0.86 19.42
CA ASN B 142 -3.86 -0.13 20.42
C ASN B 142 -4.95 -1.05 19.88
N GLY B 143 -4.76 -2.36 20.08
CA GLY B 143 -5.64 -3.38 19.54
C GLY B 143 -5.10 -4.10 18.31
N ALA B 144 -4.01 -3.65 17.73
CA ALA B 144 -3.50 -4.24 16.50
C ALA B 144 -2.45 -5.34 16.72
N ALA B 145 -2.03 -5.59 17.96
CA ALA B 145 -1.10 -6.69 18.20
C ALA B 145 -1.69 -7.97 17.67
N GLY B 146 -0.83 -8.82 17.12
CA GLY B 146 -1.27 -9.99 16.42
C GLY B 146 -1.50 -9.79 14.93
N SER B 147 -1.47 -8.56 14.43
CA SER B 147 -1.58 -8.34 13.00
C SER B 147 -0.45 -9.06 12.26
N PRO B 148 -0.76 -9.90 11.29
CA PRO B 148 0.29 -10.72 10.68
C PRO B 148 1.05 -10.01 9.56
N GLY B 149 2.30 -10.40 9.45
CA GLY B 149 3.15 -10.04 8.32
C GLY B 149 3.39 -11.29 7.49
N TYR B 150 3.34 -11.14 6.16
CA TYR B 150 3.35 -12.30 5.29
C TYR B 150 3.96 -11.96 3.94
N ASN B 151 4.42 -13.00 3.25
CA ASN B 151 4.77 -12.95 1.84
C ASN B 151 4.08 -14.11 1.14
N ILE B 152 3.77 -13.90 -0.14
CA ILE B 152 3.14 -14.94 -0.95
C ILE B 152 4.11 -15.32 -2.05
N ASN B 153 4.50 -16.60 -2.09
CA ASN B 153 5.44 -17.09 -3.08
C ASN B 153 4.93 -18.40 -3.66
N ASN B 154 4.48 -18.36 -4.92
CA ASN B 154 4.06 -19.55 -5.66
C ASN B 154 2.96 -20.30 -4.93
N GLY B 155 1.92 -19.56 -4.53
CA GLY B 155 0.78 -20.14 -3.84
C GLY B 155 0.98 -20.47 -2.38
N THR B 156 2.19 -20.30 -1.82
CA THR B 156 2.44 -20.55 -0.41
C THR B 156 2.57 -19.25 0.37
N VAL B 157 1.83 -19.14 1.46
CA VAL B 157 1.88 -17.98 2.33
C VAL B 157 3.03 -18.13 3.34
N GLU B 158 3.98 -17.21 3.27
CA GLU B 158 5.11 -17.21 4.17
C GLU B 158 4.81 -16.24 5.32
N PHE B 159 4.57 -16.78 6.52
CA PHE B 159 4.30 -15.95 7.68
C PHE B 159 5.60 -15.53 8.36
N CYS B 160 5.80 -14.24 8.50
CA CYS B 160 7.05 -13.75 9.04
C CYS B 160 6.92 -12.76 10.19
N TYR B 161 5.70 -12.35 10.57
CA TYR B 161 5.58 -11.28 11.55
C TYR B 161 4.22 -11.37 12.23
N LEU B 162 4.21 -11.17 13.55
CA LEU B 162 2.98 -10.92 14.29
C LEU B 162 3.25 -9.68 15.12
N HIS B 163 2.40 -8.67 14.98
CA HIS B 163 2.69 -7.39 15.61
C HIS B 163 2.62 -7.50 17.13
N GLN B 164 3.51 -6.78 17.81
CA GLN B 164 3.67 -6.92 19.25
C GLN B 164 3.61 -5.59 19.99
N LEU B 165 4.42 -4.62 19.56
CA LEU B 165 4.61 -3.42 20.37
C LEU B 165 5.05 -2.25 19.51
N GLU B 166 4.97 -1.07 20.10
CA GLU B 166 5.50 0.16 19.49
C GLU B 166 6.51 0.76 20.44
N LEU B 167 7.69 1.05 19.92
CA LEU B 167 8.73 1.63 20.75
C LEU B 167 8.39 3.08 21.07
N GLY B 168 9.06 3.62 22.08
CA GLY B 168 8.83 4.99 22.51
C GLY B 168 8.92 6.05 21.42
N SER B 169 9.44 5.68 20.26
CA SER B 169 9.57 6.60 19.14
C SER B 169 8.51 6.38 18.06
N GLY B 170 7.58 5.46 18.26
CA GLY B 170 6.63 5.18 17.19
C GLY B 170 7.12 4.21 16.14
N CYS B 171 8.27 3.56 16.36
CA CYS B 171 8.71 2.43 15.55
C CYS B 171 8.00 1.17 16.01
N HIS B 172 7.78 0.24 15.08
CA HIS B 172 6.97 -0.92 15.40
C HIS B 172 7.79 -2.21 15.42
N VAL B 173 7.42 -3.10 16.33
CA VAL B 173 8.16 -4.35 16.55
C VAL B 173 7.20 -5.52 16.64
N GLY B 174 7.57 -6.62 16.00
CA GLY B 174 6.82 -7.85 16.14
C GLY B 174 7.75 -9.02 16.44
N SER B 175 7.19 -10.21 16.48
CA SER B 175 7.97 -11.43 16.64
C SER B 175 7.78 -12.27 15.38
N ASP B 176 8.72 -13.17 15.12
CA ASP B 176 8.45 -14.12 14.05
C ASP B 176 7.51 -15.17 14.62
N LEU B 177 7.11 -16.13 13.80
CA LEU B 177 6.08 -17.07 14.22
C LEU B 177 6.60 -18.16 15.14
N ASP B 178 7.91 -18.26 15.30
CA ASP B 178 8.49 -19.11 16.35
C ASP B 178 8.51 -18.40 17.71
N GLY B 179 8.06 -17.15 17.78
CA GLY B 179 8.05 -16.42 19.03
C GLY B 179 9.32 -15.66 19.36
N VAL B 180 10.23 -15.52 18.41
CA VAL B 180 11.45 -14.76 18.62
C VAL B 180 11.18 -13.30 18.24
N MET B 181 11.32 -12.40 19.22
CA MET B 181 11.11 -10.98 18.98
C MET B 181 12.18 -10.46 18.02
N TYR B 182 11.76 -9.74 16.97
CA TYR B 182 12.74 -9.10 16.09
C TYR B 182 13.48 -8.03 16.88
N GLY B 183 14.79 -7.94 16.67
CA GLY B 183 15.62 -6.96 17.35
C GLY B 183 15.93 -7.27 18.80
N GLY B 184 15.34 -8.33 19.36
CA GLY B 184 15.60 -8.68 20.73
C GLY B 184 14.87 -7.86 21.76
N TYR B 185 13.95 -6.97 21.34
CA TYR B 185 13.22 -6.16 22.30
C TYR B 185 12.37 -7.07 23.19
N GLU B 186 12.07 -6.57 24.39
CA GLU B 186 11.25 -7.32 25.34
C GLU B 186 9.80 -6.84 25.27
N ASP B 187 8.86 -7.77 25.45
CA ASP B 187 7.45 -7.40 25.56
C ASP B 187 7.13 -7.04 27.01
N GLN B 188 7.66 -5.88 27.39
CA GLN B 188 7.50 -5.34 28.75
C GLN B 188 7.27 -3.83 28.63
N PRO B 189 6.37 -3.22 29.42
CA PRO B 189 6.06 -1.79 29.28
C PRO B 189 7.14 -1.00 29.94
N THR B 190 8.33 -1.00 29.36
CA THR B 190 9.49 -0.40 30.03
C THR B 190 10.27 0.48 29.10
N LEU B 191 11.21 1.24 29.67
CA LEU B 191 12.11 2.06 28.82
C LEU B 191 13.13 1.12 28.19
N GLN B 192 13.14 1.08 26.86
CA GLN B 192 14.05 0.15 26.15
C GLN B 192 14.89 0.94 25.13
N VAL B 193 16.20 0.77 25.19
CA VAL B 193 17.10 1.41 24.20
C VAL B 193 16.79 0.88 22.79
N GLU B 194 16.48 1.76 21.84
CA GLU B 194 16.20 1.36 20.44
C GLU B 194 17.41 1.70 19.55
N GLY B 195 17.96 0.69 18.87
CA GLY B 195 19.11 0.90 17.97
C GLY B 195 18.88 1.97 16.91
N ALA B 196 19.98 2.58 16.46
CA ALA B 196 19.90 3.65 15.44
C ALA B 196 19.38 3.08 14.12
N SER B 197 18.44 3.77 13.49
CA SER B 197 17.99 3.31 12.20
C SER B 197 18.87 3.94 11.12
N SER B 198 19.26 3.12 10.15
CA SER B 198 20.06 3.54 9.01
C SER B 198 19.30 3.23 7.73
N LEU B 199 19.51 4.06 6.71
CA LEU B 199 18.90 3.79 5.41
C LEU B 199 19.58 2.59 4.77
N PHE B 200 18.78 1.67 4.21
CA PHE B 200 19.31 0.42 3.69
C PHE B 200 19.81 0.67 2.27
N THR B 201 21.14 0.73 2.13
CA THR B 201 21.74 1.27 0.91
C THR B 201 21.40 0.43 -0.30
N GLU B 202 21.42 -0.89 -0.16
CA GLU B 202 21.15 -1.73 -1.33
C GLU B 202 19.76 -1.49 -1.89
N ASN B 203 18.80 -1.14 -1.00
CA ASN B 203 17.46 -0.79 -1.46
C ASN B 203 17.43 0.60 -2.08
N VAL B 204 18.22 1.55 -1.56
CA VAL B 204 18.32 2.84 -2.24
C VAL B 204 18.84 2.64 -3.67
N LEU B 205 19.81 1.74 -3.85
CA LEU B 205 20.35 1.49 -5.19
C LEU B 205 19.27 0.95 -6.13
N ALA B 206 18.46 0.02 -5.64
CA ALA B 206 17.36 -0.49 -6.45
C ALA B 206 16.41 0.64 -6.83
N PHE B 207 16.06 1.51 -5.88
CA PHE B 207 15.18 2.64 -6.17
C PHE B 207 15.77 3.57 -7.23
N LEU B 208 17.06 3.88 -7.12
CA LEU B 208 17.69 4.77 -8.10
C LEU B 208 17.77 4.13 -9.48
N TYR B 209 17.94 2.81 -9.55
CA TYR B 209 17.86 2.12 -10.83
C TYR B 209 16.44 2.19 -11.39
N ALA B 210 15.43 2.00 -10.55
CA ALA B 210 14.07 2.16 -11.07
C ALA B 210 13.85 3.57 -11.59
N ALA B 211 14.47 4.56 -10.94
CA ALA B 211 14.31 5.94 -11.39
C ALA B 211 14.96 6.16 -12.74
N LEU B 212 16.16 5.57 -12.96
CA LEU B 212 16.77 5.63 -14.27
C LEU B 212 15.85 5.04 -15.34
N ILE B 213 15.29 3.86 -15.04
CA ILE B 213 14.40 3.19 -15.99
C ILE B 213 13.16 4.04 -16.25
N ASN B 214 12.73 4.84 -15.28
CA ASN B 214 11.59 5.72 -15.46
C ASN B 214 12.01 7.11 -15.95
N GLY B 215 13.22 7.24 -16.49
CA GLY B 215 13.66 8.48 -17.09
C GLY B 215 14.09 9.58 -16.14
N SER B 216 14.22 9.29 -14.85
CA SER B 216 14.67 10.30 -13.88
C SER B 216 16.18 10.23 -13.77
N THR B 217 16.88 11.29 -14.20
CA THR B 217 18.34 11.31 -14.27
C THR B 217 19.00 12.59 -13.77
N TRP B 218 18.24 13.57 -13.29
CA TRP B 218 18.83 14.84 -12.85
C TRP B 218 19.88 14.63 -11.75
N TRP B 219 19.68 13.63 -10.90
CA TRP B 219 20.51 13.36 -9.72
C TRP B 219 21.76 12.55 -10.04
N LEU B 220 21.92 12.13 -11.30
CA LEU B 220 22.99 11.20 -11.65
C LEU B 220 24.36 11.87 -11.61
N SER B 221 25.24 11.36 -10.76
CA SER B 221 26.61 11.85 -10.64
C SER B 221 27.47 11.34 -11.80
N SER B 222 28.43 12.18 -12.22
CA SER B 222 29.44 11.70 -13.16
C SER B 222 30.59 11.01 -12.43
N SER B 223 30.77 11.28 -11.16
CA SER B 223 31.86 10.72 -10.38
C SER B 223 31.56 9.26 -10.02
N ARG B 224 32.51 8.63 -9.34
CA ARG B 224 32.49 7.19 -9.16
C ARG B 224 33.24 6.93 -7.86
N ILE B 225 32.74 6.02 -7.03
CA ILE B 225 33.37 5.69 -5.75
C ILE B 225 33.28 4.19 -5.54
N ALA B 226 34.33 3.60 -4.95
CA ALA B 226 34.41 2.15 -4.81
C ALA B 226 33.59 1.68 -3.62
N VAL B 227 33.04 0.47 -3.75
CA VAL B 227 32.11 -0.06 -2.74
C VAL B 227 32.71 0.05 -1.34
N ASP B 228 33.93 -0.44 -1.17
CA ASP B 228 34.53 -0.45 0.15
C ASP B 228 34.78 0.96 0.69
N ARG B 229 35.10 1.92 -0.18
CA ARG B 229 35.26 3.31 0.26
C ARG B 229 33.91 3.94 0.62
N PHE B 230 32.87 3.67 -0.16
CA PHE B 230 31.56 4.18 0.21
C PHE B 230 31.14 3.66 1.58
N ASN B 231 31.43 2.38 1.85
CA ASN B 231 31.02 1.73 3.10
C ASN B 231 31.68 2.37 4.32
N GLU B 232 32.96 2.76 4.20
CA GLU B 232 33.58 3.59 5.22
C GLU B 232 32.72 4.80 5.54
N TRP B 233 32.26 5.49 4.48
CA TRP B 233 31.47 6.70 4.62
C TRP B 233 30.07 6.40 5.18
N ALA B 234 29.49 5.27 4.76
CA ALA B 234 28.09 5.00 5.09
C ALA B 234 27.86 4.93 6.60
N VAL B 235 28.77 4.29 7.32
CA VAL B 235 28.56 4.00 8.73
C VAL B 235 28.80 5.23 9.58
N HIS B 236 29.26 6.32 8.97
CA HIS B 236 29.29 7.61 9.63
C HIS B 236 28.23 8.56 9.11
N ASN B 237 27.43 8.16 8.12
CA ASN B 237 26.41 9.03 7.55
C ASN B 237 25.05 8.34 7.49
N GLY B 238 24.78 7.45 8.44
CA GLY B 238 23.47 6.85 8.60
C GLY B 238 23.02 6.01 7.43
N MET B 239 23.91 5.18 6.89
CA MET B 239 23.53 4.30 5.80
C MET B 239 24.21 2.96 6.00
N THR B 240 23.59 1.90 5.51
CA THR B 240 24.19 0.60 5.73
C THR B 240 25.25 0.32 4.67
N THR B 241 26.06 -0.69 4.95
CA THR B 241 27.11 -1.07 4.02
C THR B 241 26.52 -1.81 2.83
N VAL B 242 27.24 -1.79 1.74
CA VAL B 242 26.90 -2.55 0.56
C VAL B 242 27.69 -3.84 0.59
N VAL B 243 26.99 -4.98 0.52
CA VAL B 243 27.60 -6.30 0.63
C VAL B 243 27.30 -7.15 -0.59
N ASN B 244 26.12 -7.00 -1.18
CA ASN B 244 25.71 -7.72 -2.38
C ASN B 244 25.58 -6.72 -3.53
N THR B 245 26.21 -7.04 -4.66
CA THR B 245 26.12 -6.22 -5.85
C THR B 245 25.82 -7.00 -7.11
N ASP B 246 25.96 -8.33 -7.09
CA ASP B 246 25.70 -9.12 -8.29
C ASP B 246 24.26 -8.99 -8.76
N CYS B 247 23.33 -8.70 -7.84
CA CYS B 247 21.94 -8.47 -8.23
C CYS B 247 21.77 -7.22 -9.07
N PHE B 248 22.76 -6.33 -9.10
CA PHE B 248 22.58 -5.10 -9.87
C PHE B 248 23.07 -5.22 -11.30
N SER B 249 23.70 -6.34 -11.66
CA SER B 249 24.23 -6.54 -12.99
C SER B 249 23.18 -6.30 -14.08
N ILE B 250 21.98 -6.87 -13.91
CA ILE B 250 20.95 -6.69 -14.94
C ILE B 250 20.56 -5.22 -15.07
N PHE B 251 20.43 -4.50 -13.95
CA PHE B 251 20.08 -3.08 -14.02
C PHE B 251 21.20 -2.25 -14.62
N ALA B 252 22.44 -2.51 -14.22
CA ALA B 252 23.56 -1.81 -14.85
C ALA B 252 23.54 -2.03 -16.36
N ALA B 253 23.21 -3.26 -16.78
CA ALA B 253 23.19 -3.57 -18.21
C ALA B 253 22.04 -2.88 -18.93
N LYS B 254 20.86 -2.79 -18.30
CA LYS B 254 19.75 -2.09 -18.95
C LYS B 254 19.99 -0.59 -19.06
N THR B 255 20.77 -0.01 -18.13
CA THR B 255 20.87 1.44 -18.03
C THR B 255 22.21 2.01 -18.44
N GLY B 256 23.26 1.19 -18.47
CA GLY B 256 24.59 1.67 -18.71
C GLY B 256 25.27 2.29 -17.50
N VAL B 257 24.58 2.38 -16.37
CA VAL B 257 25.10 3.03 -15.17
C VAL B 257 25.51 1.94 -14.18
N ASP B 258 26.78 1.91 -13.79
CA ASP B 258 27.20 0.92 -12.82
C ASP B 258 26.96 1.42 -11.40
N VAL B 259 27.04 0.47 -10.45
CA VAL B 259 26.79 0.75 -9.05
C VAL B 259 27.66 1.89 -8.56
N GLN B 260 28.94 1.91 -8.94
CA GLN B 260 29.88 2.88 -8.36
C GLN B 260 29.44 4.32 -8.64
N ARG B 261 28.78 4.54 -9.78
CA ARG B 261 28.24 5.86 -10.09
C ARG B 261 27.03 6.19 -9.23
N LEU B 262 26.17 5.19 -8.98
CA LEU B 262 25.04 5.37 -8.09
C LEU B 262 25.50 5.65 -6.66
N LEU B 263 26.57 4.99 -6.23
CA LEU B 263 27.05 5.23 -4.87
C LEU B 263 27.51 6.67 -4.74
N ALA B 264 28.12 7.21 -5.79
CA ALA B 264 28.59 8.59 -5.74
C ALA B 264 27.40 9.54 -5.79
N SER B 265 26.38 9.23 -6.60
CA SER B 265 25.14 9.99 -6.60
C SER B 265 24.48 9.99 -5.23
N ILE B 266 24.60 8.88 -4.50
CA ILE B 266 24.01 8.82 -3.16
C ILE B 266 24.72 9.78 -2.23
N GLN B 267 26.04 9.86 -2.31
CA GLN B 267 26.74 10.85 -1.51
C GLN B 267 26.29 12.26 -1.84
N SER B 268 26.15 12.58 -3.13
CA SER B 268 25.69 13.91 -3.52
C SER B 268 24.29 14.20 -3.01
N LEU B 269 23.40 13.21 -3.05
CA LEU B 269 22.02 13.41 -2.65
C LEU B 269 21.89 13.72 -1.17
N HIS B 270 22.86 13.29 -0.38
CA HIS B 270 22.84 13.50 1.04
C HIS B 270 23.24 14.94 1.41
N LYS B 271 23.70 15.75 0.44
CA LYS B 271 24.10 17.14 0.69
C LYS B 271 23.21 18.17 -0.03
N ASN B 272 22.02 17.76 -0.51
CA ASN B 272 21.09 18.56 -1.34
C ASN B 272 21.14 20.11 -1.21
N GLY B 274 17.16 17.12 0.76
CA GLY B 274 15.81 17.08 0.24
C GLY B 274 15.40 18.30 -0.57
N GLY B 275 16.26 18.65 -1.54
CA GLY B 275 16.02 19.75 -2.44
C GLY B 275 15.41 19.36 -3.77
N LYS B 276 15.11 18.09 -3.97
CA LYS B 276 14.36 17.71 -5.15
C LYS B 276 13.91 16.26 -4.96
N GLN B 277 12.74 15.94 -5.53
CA GLN B 277 12.12 14.63 -5.47
C GLN B 277 12.68 13.73 -6.56
N ILE B 278 12.64 12.42 -6.32
CA ILE B 278 12.92 11.44 -7.35
C ILE B 278 11.68 10.58 -7.51
N LEU B 279 11.11 10.59 -8.72
CA LEU B 279 9.88 9.85 -9.02
C LEU B 279 8.76 10.20 -8.05
N GLY B 280 8.73 11.45 -7.59
CA GLY B 280 7.82 11.84 -6.54
C GLY B 280 8.19 11.45 -5.12
N TYR B 281 9.32 10.75 -4.92
CA TYR B 281 9.71 10.33 -3.58
C TYR B 281 10.92 11.11 -3.07
N THR B 282 11.08 11.11 -1.74
CA THR B 282 12.34 11.50 -1.13
C THR B 282 13.48 10.81 -1.86
N SER B 283 14.58 11.55 -2.14
CA SER B 283 15.57 11.01 -3.07
C SER B 283 16.20 9.72 -2.57
N LEU B 284 16.36 9.55 -1.25
CA LEU B 284 17.02 8.37 -0.68
C LEU B 284 16.03 7.37 -0.10
N THR B 285 14.92 7.07 -0.76
CA THR B 285 13.99 6.13 -0.15
C THR B 285 14.56 4.71 -0.25
N ASP B 286 14.40 3.95 0.82
CA ASP B 286 14.99 2.62 0.93
C ASP B 286 13.94 1.53 1.14
N GLU B 287 12.66 1.80 0.84
CA GLU B 287 11.62 0.80 1.05
C GLU B 287 11.44 -0.19 -0.10
N PHE B 288 12.14 -0.01 -1.22
CA PHE B 288 12.00 -0.90 -2.38
C PHE B 288 13.23 -1.78 -2.54
N THR B 289 13.00 -3.08 -2.71
CA THR B 289 14.04 -4.04 -3.04
C THR B 289 14.21 -4.20 -4.55
N THR B 290 15.35 -4.77 -4.96
CA THR B 290 15.54 -5.08 -6.38
C THR B 290 14.44 -6.01 -6.88
N GLY B 291 14.03 -6.98 -6.06
CA GLY B 291 12.94 -7.87 -6.45
C GLY B 291 11.65 -7.13 -6.76
N GLU B 292 11.29 -6.17 -5.90
CA GLU B 292 10.09 -5.37 -6.14
C GLU B 292 10.22 -4.54 -7.41
N VAL B 293 11.39 -3.93 -7.63
CA VAL B 293 11.57 -3.08 -8.79
C VAL B 293 11.44 -3.91 -10.06
N ILE B 294 12.02 -5.11 -10.07
CA ILE B 294 11.98 -5.92 -11.29
C ILE B 294 10.54 -6.33 -11.61
N ARG B 295 9.77 -6.72 -10.60
CA ARG B 295 8.37 -7.08 -10.83
C ARG B 295 7.57 -5.89 -11.35
N GLN B 296 7.82 -4.70 -10.83
CA GLN B 296 7.03 -3.55 -11.28
C GLN B 296 7.51 -2.99 -12.62
N MET B 297 8.80 -3.04 -12.89
CA MET B 297 9.29 -2.49 -14.16
C MET B 297 8.99 -3.43 -15.32
N TYR B 298 9.17 -4.74 -15.12
CA TYR B 298 9.12 -5.72 -16.20
C TYR B 298 8.17 -6.89 -16.00
N GLY B 299 7.46 -6.99 -14.88
CA GLY B 299 6.48 -8.06 -14.76
C GLY B 299 7.04 -9.44 -14.46
N VAL B 300 8.35 -9.56 -14.25
CA VAL B 300 9.00 -10.84 -14.00
C VAL B 300 9.54 -10.87 -12.57
N ILE C 2 1.67 8.92 -28.26
CA ILE C 2 2.32 9.07 -26.93
C ILE C 2 1.42 8.42 -25.85
N VAL C 3 0.09 8.54 -25.95
CA VAL C 3 -0.76 7.84 -24.95
C VAL C 3 -0.63 6.33 -25.20
N LYS C 4 -0.42 5.55 -24.14
CA LYS C 4 -0.29 4.09 -24.29
C LYS C 4 -1.54 3.37 -23.72
N LEU C 5 -2.18 2.57 -24.55
CA LEU C 5 -3.35 1.78 -24.12
C LEU C 5 -2.82 0.53 -23.40
N GLN C 6 -3.05 0.40 -22.09
CA GLN C 6 -2.40 -0.70 -21.34
C GLN C 6 -3.30 -1.95 -21.26
N GLN D 1 -1.36 -4.14 21.46
CA GLN D 1 -0.04 -3.47 21.32
C GLN D 1 0.43 -2.99 22.70
N LEU D 2 1.68 -3.25 23.02
CA LEU D 2 2.22 -2.71 24.29
C LEU D 2 3.14 -1.56 23.87
N LYS D 3 3.20 -0.52 24.66
CA LYS D 3 4.13 0.58 24.32
C LYS D 3 5.29 0.52 25.30
N VAL D 4 6.49 0.58 24.76
CA VAL D 4 7.68 0.44 25.61
C VAL D 4 8.33 1.82 25.76
N ILE D 5 7.60 2.78 26.33
CA ILE D 5 8.16 4.13 26.60
C ILE D 5 9.66 4.14 26.32
#